data_6IUA
#
_entry.id   6IUA
#
_cell.length_a   79.260
_cell.length_b   90.170
_cell.length_c   97.120
_cell.angle_alpha   90.000
_cell.angle_beta   90.000
_cell.angle_gamma   90.000
#
_symmetry.space_group_name_H-M   'P 21 21 21'
#
loop_
_entity.id
_entity.type
_entity.pdbx_description
1 polymer 'Importin subunit alpha-1'
2 polymer 'Peptide from TP53-binding protein 1'
3 water water
#
loop_
_entity_poly.entity_id
_entity_poly.type
_entity_poly.pdbx_seq_one_letter_code
_entity_poly.pdbx_strand_id
1 'polypeptide(L)'
;GTVNWSVEDIVKGINSNNLESQLQATQAARKLLSREKQPPIDNIIRAGLIPKFVSFLGKTDCSPIQFESAWALTNIASGT
SEQTKAVVDGGAIPAFISLLASPHAHISEQAVWALGNIAGDGSAFRDLVIKHGAIDPLLALLAVPDLSTLACGYLRNLTW
TLSNLCRNKNPAPPLDAVEQILPTLVRLLHHNDPEVLADSCWAISYLTDGPNERIEMVVKKGVVPQLVKLLGATELPIVT
PALRAIGNIVTGTDEQTQKVIDAGALAVFPSLLTNPKTNIQKEATWTMSNITAGRQDQIQQVVNHGLVPFLVGVLSKADF
KTQKEAAWAITNYTSGGTVEQIVYLVHCGIIEPLMNLLSAKDTKIIQVILDAISNIFQAAEKLGETEKLSIMIEECGGLD
KIEALQRHENESVYKASLNLIEKYFSV
;
A
2 'polypeptide(L)' SGKRKLITSEEERDPAKRGRKS B
#
# COMPACT_ATOMS: atom_id res chain seq x y z
N ASN A 4 -2.71 -23.80 30.26
CA ASN A 4 -2.59 -24.66 29.08
C ASN A 4 -1.75 -25.91 29.40
N TRP A 5 -1.71 -26.86 28.48
CA TRP A 5 -0.81 -28.01 28.63
C TRP A 5 0.64 -27.62 28.42
N SER A 6 1.54 -28.48 28.92
CA SER A 6 2.95 -28.30 28.55
C SER A 6 3.22 -28.86 27.17
N VAL A 7 4.30 -28.38 26.54
CA VAL A 7 4.72 -28.93 25.25
C VAL A 7 5.02 -30.43 25.37
N GLU A 8 5.67 -30.85 26.49
CA GLU A 8 5.96 -32.27 26.61
C GLU A 8 4.67 -33.11 26.65
N ASP A 9 3.62 -32.61 27.32
CA ASP A 9 2.36 -33.36 27.35
C ASP A 9 1.67 -33.35 25.98
N ILE A 10 1.76 -32.24 25.26
CA ILE A 10 1.24 -32.20 23.89
C ILE A 10 1.97 -33.25 23.04
N VAL A 11 3.30 -33.30 23.13
CA VAL A 11 4.06 -34.27 22.36
C VAL A 11 3.62 -35.69 22.73
N LYS A 12 3.45 -35.96 24.02
CA LYS A 12 3.05 -37.31 24.42
C LYS A 12 1.71 -37.69 23.80
N GLY A 13 0.76 -36.74 23.79
CA GLY A 13 -0.57 -37.03 23.23
C GLY A 13 -0.50 -37.20 21.72
N ILE A 14 0.27 -36.34 21.04
CA ILE A 14 0.33 -36.43 19.58
C ILE A 14 1.02 -37.71 19.13
N ASN A 15 1.98 -38.19 19.89
CA ASN A 15 2.72 -39.40 19.56
C ASN A 15 2.04 -40.67 20.06
N SER A 16 0.81 -40.57 20.60
CA SER A 16 0.17 -41.74 21.15
C SER A 16 -0.42 -42.69 20.12
N ASN A 17 -0.58 -42.28 18.85
CA ASN A 17 -1.25 -43.19 17.89
C ASN A 17 -2.70 -43.52 18.33
N ASN A 18 -3.28 -42.74 19.24
CA ASN A 18 -4.71 -42.84 19.54
C ASN A 18 -5.33 -41.55 18.98
N LEU A 19 -6.21 -41.67 17.97
CA LEU A 19 -6.68 -40.47 17.28
C LEU A 19 -7.36 -39.49 18.24
N GLU A 20 -8.11 -40.00 19.21
CA GLU A 20 -8.78 -39.07 20.11
C GLU A 20 -7.76 -38.41 21.06
N SER A 21 -6.78 -39.16 21.56
CA SER A 21 -5.69 -38.52 22.31
C SER A 21 -4.96 -37.48 21.46
N GLN A 22 -4.73 -37.79 20.19
CA GLN A 22 -4.09 -36.84 19.29
C GLN A 22 -4.94 -35.58 19.10
N LEU A 23 -6.24 -35.75 18.94
CA LEU A 23 -7.14 -34.61 18.81
C LEU A 23 -7.10 -33.73 20.05
N GLN A 24 -7.16 -34.32 21.26
CA GLN A 24 -7.11 -33.51 22.47
CA GLN A 24 -7.11 -33.51 22.47
C GLN A 24 -5.79 -32.76 22.58
N ALA A 25 -4.71 -33.41 22.21
CA ALA A 25 -3.40 -32.76 22.29
C ALA A 25 -3.26 -31.68 21.24
N THR A 26 -3.84 -31.90 20.05
CA THR A 26 -3.74 -30.88 19.03
C THR A 26 -4.55 -29.66 19.43
N GLN A 27 -5.74 -29.89 19.99
CA GLN A 27 -6.50 -28.78 20.52
C GLN A 27 -5.70 -28.02 21.58
N ALA A 28 -5.07 -28.77 22.50
CA ALA A 28 -4.22 -28.13 23.49
C ALA A 28 -3.12 -27.29 22.84
N ALA A 29 -2.53 -27.79 21.74
CA ALA A 29 -1.50 -26.99 21.05
C ALA A 29 -2.11 -25.75 20.44
N ARG A 30 -3.30 -25.90 19.85
CA ARG A 30 -3.96 -24.72 19.27
C ARG A 30 -4.16 -23.65 20.34
N LYS A 31 -4.58 -24.06 21.54
CA LYS A 31 -4.85 -23.06 22.56
C LYS A 31 -3.57 -22.40 23.02
N LEU A 32 -2.49 -23.17 23.16
CA LEU A 32 -1.20 -22.58 23.52
C LEU A 32 -0.71 -21.61 22.45
N LEU A 33 -0.90 -21.98 21.19
CA LEU A 33 -0.44 -21.12 20.10
C LEU A 33 -1.34 -19.91 19.88
N SER A 34 -2.48 -19.85 20.55
CA SER A 34 -3.43 -18.75 20.40
C SER A 34 -3.29 -17.71 21.49
N ARG A 35 -2.41 -17.93 22.46
CA ARG A 35 -2.27 -16.98 23.56
C ARG A 35 -1.52 -15.73 23.08
N GLU A 36 -1.82 -14.60 23.71
CA GLU A 36 -1.35 -13.32 23.18
C GLU A 36 0.13 -13.09 23.42
N LYS A 37 0.62 -13.46 24.60
CA LYS A 37 1.99 -13.13 24.98
C LYS A 37 2.89 -14.31 24.64
N GLN A 38 3.73 -14.12 23.62
CA GLN A 38 4.81 -15.02 23.27
C GLN A 38 4.34 -16.47 23.19
N PRO A 39 3.42 -16.80 22.30
CA PRO A 39 3.12 -18.21 22.07
C PRO A 39 4.40 -18.96 21.75
N PRO A 40 4.57 -20.18 22.28
CA PRO A 40 5.85 -20.90 22.16
C PRO A 40 5.97 -21.61 20.80
N ILE A 41 5.98 -20.80 19.73
CA ILE A 41 6.06 -21.37 18.39
C ILE A 41 7.34 -22.20 18.24
N ASP A 42 8.49 -21.63 18.62
CA ASP A 42 9.74 -22.35 18.37
C ASP A 42 9.80 -23.66 19.15
N ASN A 43 9.25 -23.65 20.36
CA ASN A 43 9.25 -24.89 21.14
C ASN A 43 8.42 -25.96 20.43
N ILE A 44 7.29 -25.56 19.85
CA ILE A 44 6.43 -26.50 19.12
C ILE A 44 7.16 -27.01 17.89
N ILE A 45 7.86 -26.12 17.16
CA ILE A 45 8.63 -26.56 15.99
C ILE A 45 9.72 -27.53 16.43
N ARG A 46 10.49 -27.15 17.45
CA ARG A 46 11.62 -27.96 17.87
C ARG A 46 11.16 -29.34 18.36
N ALA A 47 9.92 -29.46 18.82
CA ALA A 47 9.42 -30.76 19.27
C ALA A 47 9.07 -31.67 18.10
N GLY A 48 9.13 -31.14 16.88
CA GLY A 48 8.91 -31.97 15.72
C GLY A 48 7.46 -32.15 15.37
N LEU A 49 6.57 -31.26 15.83
CA LEU A 49 5.12 -31.48 15.67
C LEU A 49 4.56 -31.07 14.31
N ILE A 50 5.27 -30.25 13.53
CA ILE A 50 4.68 -29.79 12.26
C ILE A 50 4.28 -30.94 11.34
N PRO A 51 5.15 -31.96 11.08
CA PRO A 51 4.73 -33.03 10.19
C PRO A 51 3.49 -33.74 10.67
N LYS A 52 3.36 -33.94 11.99
CA LYS A 52 2.15 -34.55 12.52
C LYS A 52 0.92 -33.68 12.26
N PHE A 53 1.00 -32.36 12.54
CA PHE A 53 -0.13 -31.49 12.23
C PHE A 53 -0.47 -31.53 10.75
N VAL A 54 0.54 -31.57 9.87
CA VAL A 54 0.23 -31.62 8.44
C VAL A 54 -0.48 -32.93 8.09
N SER A 55 -0.04 -34.06 8.70
CA SER A 55 -0.74 -35.31 8.43
CA SER A 55 -0.75 -35.31 8.43
C SER A 55 -2.19 -35.24 8.91
N PHE A 56 -2.45 -34.55 10.03
CA PHE A 56 -3.83 -34.42 10.51
C PHE A 56 -4.72 -33.60 9.57
N LEU A 57 -4.14 -32.71 8.77
CA LEU A 57 -4.97 -32.01 7.79
C LEU A 57 -5.66 -32.96 6.83
N GLY A 58 -5.11 -34.13 6.61
CA GLY A 58 -5.71 -35.10 5.72
C GLY A 58 -6.74 -36.03 6.32
N LYS A 59 -7.08 -35.91 7.60
CA LYS A 59 -7.97 -36.86 8.25
C LYS A 59 -9.43 -36.48 8.02
N THR A 60 -9.92 -36.80 6.80
CA THR A 60 -11.27 -36.42 6.40
C THR A 60 -12.34 -36.98 7.34
N ASP A 61 -12.08 -38.13 7.95
CA ASP A 61 -13.06 -38.72 8.85
C ASP A 61 -13.08 -38.08 10.22
N CYS A 62 -12.15 -37.14 10.50
CA CYS A 62 -12.06 -36.52 11.82
C CYS A 62 -11.96 -35.04 11.53
N SER A 63 -13.06 -34.43 11.14
CA SER A 63 -12.97 -33.01 10.85
C SER A 63 -12.50 -32.17 12.05
N PRO A 64 -12.78 -32.52 13.31
CA PRO A 64 -12.21 -31.69 14.39
C PRO A 64 -10.69 -31.61 14.41
N ILE A 65 -9.98 -32.71 14.12
CA ILE A 65 -8.52 -32.62 14.14
C ILE A 65 -8.01 -31.93 12.88
N GLN A 66 -8.78 -31.93 11.79
CA GLN A 66 -8.37 -31.12 10.65
C GLN A 66 -8.41 -29.64 11.04
N PHE A 67 -9.48 -29.24 11.73
CA PHE A 67 -9.64 -27.84 12.10
C PHE A 67 -8.58 -27.42 13.11
N GLU A 68 -8.41 -28.22 14.17
CA GLU A 68 -7.44 -27.85 15.20
C GLU A 68 -6.03 -27.76 14.64
N SER A 69 -5.62 -28.73 13.81
CA SER A 69 -4.29 -28.63 13.22
CA SER A 69 -4.29 -28.65 13.21
C SER A 69 -4.19 -27.46 12.26
N ALA A 70 -5.25 -27.19 11.48
CA ALA A 70 -5.20 -26.04 10.57
C ALA A 70 -4.98 -24.75 11.36
N TRP A 71 -5.67 -24.62 12.50
CA TRP A 71 -5.54 -23.42 13.31
C TRP A 71 -4.14 -23.38 13.91
N ALA A 72 -3.67 -24.50 14.48
CA ALA A 72 -2.32 -24.50 15.02
C ALA A 72 -1.29 -24.09 13.95
N LEU A 73 -1.38 -24.67 12.74
CA LEU A 73 -0.40 -24.32 11.70
C LEU A 73 -0.57 -22.88 11.22
N THR A 74 -1.80 -22.38 11.16
CA THR A 74 -2.02 -20.97 10.81
C THR A 74 -1.19 -20.09 11.70
N ASN A 75 -1.23 -20.37 13.01
CA ASN A 75 -0.53 -19.50 13.95
C ASN A 75 0.98 -19.69 13.90
N ILE A 76 1.49 -20.89 13.63
CA ILE A 76 2.93 -21.01 13.38
C ILE A 76 3.31 -20.19 12.15
N ALA A 77 2.52 -20.32 11.09
CA ALA A 77 2.85 -19.63 9.85
C ALA A 77 2.68 -18.13 9.95
N SER A 78 1.97 -17.64 10.99
CA SER A 78 1.83 -16.18 11.19
C SER A 78 3.07 -15.56 11.81
N GLY A 79 4.09 -16.37 12.10
CA GLY A 79 5.27 -15.88 12.77
C GLY A 79 6.36 -15.33 11.86
N THR A 80 7.62 -15.58 12.23
CA THR A 80 8.75 -15.12 11.44
C THR A 80 8.84 -15.90 10.12
N SER A 81 9.67 -15.40 9.19
CA SER A 81 9.85 -16.18 7.97
C SER A 81 10.35 -17.60 8.26
N GLU A 82 11.25 -17.75 9.24
CA GLU A 82 11.74 -19.10 9.56
C GLU A 82 10.60 -20.00 10.04
N GLN A 83 9.68 -19.45 10.81
CA GLN A 83 8.54 -20.24 11.30
C GLN A 83 7.58 -20.57 10.16
N THR A 84 7.32 -19.61 9.27
CA THR A 84 6.49 -19.92 8.10
C THR A 84 7.16 -20.98 7.26
N LYS A 85 8.48 -20.88 7.08
CA LYS A 85 9.21 -21.88 6.30
C LYS A 85 9.07 -23.27 6.92
N ALA A 86 9.05 -23.36 8.24
CA ALA A 86 8.88 -24.70 8.84
C ALA A 86 7.55 -25.33 8.43
N VAL A 87 6.50 -24.50 8.31
CA VAL A 87 5.20 -24.99 7.91
C VAL A 87 5.23 -25.43 6.47
N VAL A 88 5.77 -24.60 5.57
CA VAL A 88 5.88 -25.00 4.17
C VAL A 88 6.76 -26.27 4.04
N ASP A 89 7.85 -26.35 4.78
CA ASP A 89 8.77 -27.49 4.67
C ASP A 89 8.10 -28.77 5.12
N GLY A 90 7.08 -28.64 5.98
CA GLY A 90 6.32 -29.79 6.44
C GLY A 90 5.35 -30.35 5.43
N GLY A 91 5.21 -29.70 4.26
CA GLY A 91 4.25 -30.15 3.27
C GLY A 91 2.88 -29.49 3.34
N ALA A 92 2.76 -28.39 4.08
CA ALA A 92 1.43 -27.84 4.36
C ALA A 92 0.74 -27.26 3.12
N ILE A 93 1.49 -26.73 2.13
CA ILE A 93 0.79 -25.99 1.08
C ILE A 93 -0.24 -26.89 0.37
N PRO A 94 0.13 -28.04 -0.20
CA PRO A 94 -0.90 -28.84 -0.89
C PRO A 94 -1.97 -29.35 0.05
N ALA A 95 -1.61 -29.65 1.30
CA ALA A 95 -2.62 -30.11 2.23
C ALA A 95 -3.65 -29.03 2.50
N PHE A 96 -3.23 -27.76 2.62
CA PHE A 96 -4.22 -26.69 2.82
C PHE A 96 -5.04 -26.46 1.56
N ILE A 97 -4.41 -26.57 0.38
CA ILE A 97 -5.21 -26.37 -0.83
C ILE A 97 -6.29 -27.44 -0.94
N SER A 98 -5.95 -28.68 -0.57
CA SER A 98 -6.95 -29.74 -0.56
C SER A 98 -8.10 -29.40 0.40
N LEU A 99 -7.81 -28.77 1.54
CA LEU A 99 -8.88 -28.44 2.49
C LEU A 99 -9.77 -27.29 2.02
N LEU A 100 -9.38 -26.56 0.99
CA LEU A 100 -10.28 -25.54 0.47
C LEU A 100 -11.59 -26.13 -0.02
N ALA A 101 -11.58 -27.41 -0.38
CA ALA A 101 -12.75 -28.16 -0.84
C ALA A 101 -13.58 -28.73 0.29
N SER A 102 -13.21 -28.48 1.54
CA SER A 102 -13.90 -29.11 2.65
C SER A 102 -15.38 -28.72 2.65
N PRO A 103 -16.29 -29.65 2.97
CA PRO A 103 -17.70 -29.29 3.12
C PRO A 103 -17.96 -28.51 4.38
N HIS A 104 -16.96 -28.35 5.26
CA HIS A 104 -17.13 -27.63 6.51
C HIS A 104 -16.58 -26.22 6.35
N ALA A 105 -17.46 -25.21 6.43
CA ALA A 105 -17.02 -23.84 6.18
C ALA A 105 -15.91 -23.42 7.14
N HIS A 106 -15.97 -23.85 8.41
CA HIS A 106 -14.93 -23.37 9.32
C HIS A 106 -13.55 -23.96 8.99
N ILE A 107 -13.50 -25.12 8.36
CA ILE A 107 -12.24 -25.74 7.97
C ILE A 107 -11.72 -25.11 6.69
N SER A 108 -12.61 -24.92 5.70
CA SER A 108 -12.14 -24.26 4.50
CA SER A 108 -12.17 -24.24 4.49
C SER A 108 -11.66 -22.84 4.81
N GLU A 109 -12.37 -22.13 5.70
CA GLU A 109 -11.91 -20.82 6.13
C GLU A 109 -10.52 -20.88 6.76
N GLN A 110 -10.28 -21.86 7.63
CA GLN A 110 -8.97 -21.90 8.28
C GLN A 110 -7.86 -22.20 7.27
N ALA A 111 -8.15 -23.00 6.23
CA ALA A 111 -7.19 -23.25 5.18
C ALA A 111 -6.92 -21.96 4.39
N VAL A 112 -7.98 -21.19 4.09
CA VAL A 112 -7.79 -19.88 3.45
C VAL A 112 -6.82 -19.04 4.26
N TRP A 113 -7.03 -19.02 5.59
CA TRP A 113 -6.26 -18.17 6.49
C TRP A 113 -4.80 -18.59 6.48
N ALA A 114 -4.55 -19.90 6.61
CA ALA A 114 -3.19 -20.38 6.61
C ALA A 114 -2.48 -20.05 5.32
N LEU A 115 -3.16 -20.23 4.18
CA LEU A 115 -2.51 -19.92 2.91
C LEU A 115 -2.22 -18.43 2.81
N GLY A 116 -3.09 -17.58 3.40
CA GLY A 116 -2.79 -16.16 3.39
C GLY A 116 -1.51 -15.83 4.15
N ASN A 117 -1.29 -16.51 5.29
CA ASN A 117 -0.03 -16.25 6.02
C ASN A 117 1.17 -16.75 5.24
N ILE A 118 1.06 -17.92 4.61
CA ILE A 118 2.17 -18.44 3.82
C ILE A 118 2.48 -17.51 2.65
N ALA A 119 1.47 -17.15 1.87
CA ALA A 119 1.72 -16.25 0.75
C ALA A 119 2.19 -14.89 1.21
N GLY A 120 1.73 -14.43 2.38
CA GLY A 120 2.14 -13.13 2.91
C GLY A 120 3.58 -13.04 3.33
N ASP A 121 4.27 -14.19 3.40
CA ASP A 121 5.67 -14.14 3.81
C ASP A 121 6.55 -13.40 2.80
N GLY A 122 6.24 -13.50 1.52
CA GLY A 122 7.12 -12.89 0.52
C GLY A 122 6.83 -13.47 -0.84
N SER A 123 7.54 -12.94 -1.84
CA SER A 123 7.22 -13.31 -3.23
CA SER A 123 7.22 -13.31 -3.22
C SER A 123 7.43 -14.80 -3.48
N ALA A 124 8.47 -15.39 -2.88
CA ALA A 124 8.75 -16.78 -3.24
C ALA A 124 7.64 -17.71 -2.74
N PHE A 125 7.21 -17.57 -1.47
CA PHE A 125 6.13 -18.43 -1.00
C PHE A 125 4.80 -18.05 -1.63
N ARG A 126 4.57 -16.76 -1.94
CA ARG A 126 3.38 -16.38 -2.70
C ARG A 126 3.35 -17.17 -4.01
N ASP A 127 4.45 -17.14 -4.75
CA ASP A 127 4.48 -17.81 -6.07
C ASP A 127 4.42 -19.33 -5.92
N LEU A 128 4.92 -19.85 -4.80
CA LEU A 128 4.84 -21.30 -4.58
C LEU A 128 3.41 -21.71 -4.29
N VAL A 129 2.66 -20.90 -3.51
CA VAL A 129 1.25 -21.20 -3.29
C VAL A 129 0.51 -21.19 -4.62
N ILE A 130 0.84 -20.21 -5.46
CA ILE A 130 0.22 -20.14 -6.80
C ILE A 130 0.56 -21.37 -7.63
N LYS A 131 1.83 -21.82 -7.59
CA LYS A 131 2.20 -23.01 -8.38
C LYS A 131 1.50 -24.27 -7.93
N HIS A 132 1.23 -24.40 -6.63
CA HIS A 132 0.51 -25.57 -6.15
C HIS A 132 -0.98 -25.50 -6.48
N GLY A 133 -1.41 -24.45 -7.17
CA GLY A 133 -2.76 -24.42 -7.70
C GLY A 133 -3.80 -23.79 -6.75
N ALA A 134 -3.40 -22.87 -5.88
CA ALA A 134 -4.37 -22.32 -4.92
C ALA A 134 -5.42 -21.40 -5.53
N ILE A 135 -5.15 -20.76 -6.68
CA ILE A 135 -6.06 -19.68 -7.09
C ILE A 135 -7.44 -20.21 -7.49
N ASP A 136 -7.49 -21.26 -8.33
CA ASP A 136 -8.78 -21.79 -8.77
C ASP A 136 -9.71 -22.17 -7.61
N PRO A 137 -9.28 -22.96 -6.63
CA PRO A 137 -10.19 -23.29 -5.52
C PRO A 137 -10.48 -22.09 -4.62
N LEU A 138 -9.55 -21.14 -4.44
CA LEU A 138 -9.90 -19.94 -3.68
C LEU A 138 -11.01 -19.16 -4.38
N LEU A 139 -10.87 -18.99 -5.69
CA LEU A 139 -11.86 -18.19 -6.41
C LEU A 139 -13.20 -18.91 -6.45
N ALA A 140 -13.15 -20.24 -6.47
CA ALA A 140 -14.39 -21.02 -6.47
C ALA A 140 -15.23 -20.76 -5.23
N LEU A 141 -14.62 -20.42 -4.09
CA LEU A 141 -15.36 -20.16 -2.86
C LEU A 141 -16.18 -18.88 -2.99
N LEU A 142 -15.81 -18.01 -3.92
CA LEU A 142 -16.50 -16.73 -4.12
C LEU A 142 -17.38 -16.76 -5.35
N ALA A 143 -17.55 -17.94 -5.97
CA ALA A 143 -18.32 -18.03 -7.21
C ALA A 143 -19.81 -18.22 -6.84
N VAL A 144 -20.35 -17.15 -6.26
CA VAL A 144 -21.76 -17.06 -5.89
C VAL A 144 -22.34 -15.83 -6.58
N PRO A 145 -23.61 -15.82 -6.92
CA PRO A 145 -24.17 -14.62 -7.60
C PRO A 145 -24.17 -13.37 -6.76
N ASP A 146 -24.25 -13.46 -5.41
CA ASP A 146 -24.28 -12.27 -4.56
C ASP A 146 -23.41 -12.53 -3.35
N LEU A 147 -22.30 -11.81 -3.24
CA LEU A 147 -21.39 -12.02 -2.10
C LEU A 147 -22.11 -11.88 -0.77
N SER A 148 -23.21 -11.17 -0.74
CA SER A 148 -23.93 -10.97 0.51
C SER A 148 -24.45 -12.28 1.09
N THR A 149 -24.45 -13.37 0.33
CA THR A 149 -24.91 -14.62 0.97
C THR A 149 -23.83 -15.31 1.79
N LEU A 150 -22.57 -14.87 1.70
CA LEU A 150 -21.46 -15.49 2.41
C LEU A 150 -21.35 -14.88 3.81
N ALA A 151 -20.81 -15.65 4.76
CA ALA A 151 -20.66 -15.09 6.09
C ALA A 151 -19.60 -13.99 6.05
N CYS A 152 -19.79 -12.96 6.87
CA CYS A 152 -18.87 -11.82 6.89
C CYS A 152 -17.44 -12.23 7.20
N GLY A 153 -17.23 -13.01 8.26
CA GLY A 153 -15.85 -13.29 8.65
C GLY A 153 -15.15 -14.13 7.59
N TYR A 154 -15.89 -15.06 6.97
CA TYR A 154 -15.36 -15.88 5.89
C TYR A 154 -14.96 -15.00 4.71
N LEU A 155 -15.85 -14.09 4.31
CA LEU A 155 -15.54 -13.23 3.17
C LEU A 155 -14.33 -12.35 3.46
N ARG A 156 -14.23 -11.83 4.69
CA ARG A 156 -13.08 -10.98 5.04
C ARG A 156 -11.76 -11.76 4.96
N ASN A 157 -11.77 -13.01 5.41
CA ASN A 157 -10.53 -13.81 5.35
C ASN A 157 -10.16 -14.13 3.91
N LEU A 158 -11.14 -14.44 3.06
CA LEU A 158 -10.82 -14.67 1.65
C LEU A 158 -10.24 -13.41 1.01
N THR A 159 -10.85 -12.25 1.28
CA THR A 159 -10.35 -11.02 0.66
C THR A 159 -8.91 -10.77 1.10
N TRP A 160 -8.64 -10.95 2.40
CA TRP A 160 -7.27 -10.72 2.87
C TRP A 160 -6.28 -11.70 2.22
N THR A 161 -6.62 -12.98 2.16
CA THR A 161 -5.71 -13.93 1.50
C THR A 161 -5.50 -13.56 0.03
N LEU A 162 -6.57 -13.17 -0.69
CA LEU A 162 -6.33 -12.74 -2.07
C LEU A 162 -5.45 -11.51 -2.12
N SER A 163 -5.57 -10.60 -1.15
CA SER A 163 -4.71 -9.42 -1.18
C SER A 163 -3.25 -9.82 -0.98
N ASN A 164 -2.98 -10.89 -0.20
CA ASN A 164 -1.58 -11.31 -0.09
C ASN A 164 -1.06 -12.00 -1.36
N LEU A 165 -1.94 -12.55 -2.19
CA LEU A 165 -1.46 -13.07 -3.45
C LEU A 165 -1.16 -11.94 -4.42
N CYS A 166 -1.66 -10.73 -4.16
CA CYS A 166 -1.36 -9.55 -4.97
C CYS A 166 -0.16 -8.79 -4.46
N ARG A 167 0.30 -9.08 -3.25
CA ARG A 167 1.27 -8.26 -2.57
C ARG A 167 2.70 -8.66 -2.97
N ASN A 168 3.63 -7.71 -2.79
CA ASN A 168 5.08 -7.93 -2.92
C ASN A 168 5.61 -7.86 -4.34
N LYS A 169 6.91 -7.56 -4.42
CA LYS A 169 7.58 -7.24 -5.66
C LYS A 169 8.88 -8.02 -5.69
N ASN A 170 9.58 -7.85 -6.80
CA ASN A 170 10.88 -8.49 -7.02
C ASN A 170 10.82 -10.00 -6.78
N PRO A 171 9.94 -10.72 -7.51
CA PRO A 171 9.07 -10.18 -8.57
C PRO A 171 7.68 -9.86 -8.13
N ALA A 172 6.97 -9.10 -8.96
CA ALA A 172 5.52 -8.96 -8.79
C ALA A 172 4.82 -10.28 -9.14
N PRO A 173 3.55 -10.43 -8.78
CA PRO A 173 2.86 -11.69 -9.00
C PRO A 173 2.80 -12.02 -10.47
N PRO A 174 2.67 -13.29 -10.83
CA PRO A 174 2.66 -13.67 -12.26
C PRO A 174 1.49 -13.00 -12.95
N LEU A 175 1.74 -12.50 -14.16
CA LEU A 175 0.70 -11.77 -14.87
C LEU A 175 -0.56 -12.60 -15.02
N ASP A 176 -0.42 -13.88 -15.38
CA ASP A 176 -1.60 -14.71 -15.57
C ASP A 176 -2.38 -14.87 -14.28
N ALA A 177 -1.69 -14.95 -13.14
CA ALA A 177 -2.38 -15.02 -11.85
C ALA A 177 -3.16 -13.74 -11.56
N VAL A 178 -2.55 -12.57 -11.84
CA VAL A 178 -3.27 -11.32 -11.66
C VAL A 178 -4.51 -11.29 -12.54
N GLU A 179 -4.36 -11.65 -13.83
CA GLU A 179 -5.55 -11.66 -14.70
C GLU A 179 -6.64 -12.57 -14.15
N GLN A 180 -6.25 -13.71 -13.56
CA GLN A 180 -7.24 -14.65 -13.06
C GLN A 180 -7.97 -14.10 -11.83
N ILE A 181 -7.24 -13.41 -10.94
CA ILE A 181 -7.82 -12.87 -9.71
C ILE A 181 -8.67 -11.62 -9.95
N LEU A 182 -8.30 -10.75 -10.92
CA LEU A 182 -8.85 -9.40 -10.95
C LEU A 182 -10.38 -9.34 -11.00
N PRO A 183 -11.10 -10.15 -11.80
CA PRO A 183 -12.57 -10.00 -11.80
C PRO A 183 -13.19 -10.22 -10.44
N THR A 184 -12.68 -11.18 -9.68
CA THR A 184 -13.17 -11.40 -8.31
C THR A 184 -12.80 -10.25 -7.41
N LEU A 185 -11.58 -9.75 -7.56
CA LEU A 185 -11.19 -8.60 -6.75
C LEU A 185 -12.07 -7.39 -7.02
N VAL A 186 -12.43 -7.15 -8.29
CA VAL A 186 -13.31 -6.02 -8.60
C VAL A 186 -14.69 -6.20 -7.95
N ARG A 187 -15.20 -7.43 -7.89
CA ARG A 187 -16.45 -7.66 -7.16
C ARG A 187 -16.32 -7.31 -5.69
N LEU A 188 -15.22 -7.73 -5.06
CA LEU A 188 -15.00 -7.42 -3.67
C LEU A 188 -14.86 -5.93 -3.43
N LEU A 189 -14.26 -5.21 -4.40
CA LEU A 189 -14.15 -3.75 -4.31
C LEU A 189 -15.49 -3.02 -4.33
N HIS A 190 -16.55 -3.70 -4.77
CA HIS A 190 -17.90 -3.14 -4.76
C HIS A 190 -18.77 -3.69 -3.63
N HIS A 191 -18.20 -4.45 -2.71
CA HIS A 191 -18.98 -5.04 -1.63
C HIS A 191 -19.18 -3.97 -0.54
N ASN A 192 -20.20 -4.12 0.30
CA ASN A 192 -20.50 -3.06 1.25
C ASN A 192 -19.93 -3.31 2.66
N ASP A 193 -18.95 -4.11 2.81
CA ASP A 193 -18.41 -4.35 4.17
C ASP A 193 -17.11 -3.56 4.33
N PRO A 194 -16.91 -2.77 5.38
CA PRO A 194 -15.72 -1.93 5.42
C PRO A 194 -14.41 -2.71 5.44
N GLU A 195 -14.34 -3.88 6.07
CA GLU A 195 -13.06 -4.57 6.06
C GLU A 195 -12.79 -5.19 4.68
N VAL A 196 -13.82 -5.73 4.03
CA VAL A 196 -13.62 -6.24 2.67
C VAL A 196 -13.17 -5.12 1.76
N LEU A 197 -13.83 -3.95 1.87
CA LEU A 197 -13.42 -2.81 1.04
C LEU A 197 -11.98 -2.42 1.30
N ALA A 198 -11.56 -2.36 2.57
CA ALA A 198 -10.20 -1.93 2.84
C ALA A 198 -9.20 -2.91 2.22
N ASP A 199 -9.40 -4.21 2.44
CA ASP A 199 -8.41 -5.14 1.96
C ASP A 199 -8.45 -5.27 0.43
N SER A 200 -9.63 -5.13 -0.21
CA SER A 200 -9.71 -5.09 -1.67
CA SER A 200 -9.65 -5.14 -1.66
C SER A 200 -8.96 -3.89 -2.22
N CYS A 201 -9.11 -2.75 -1.56
CA CYS A 201 -8.38 -1.53 -1.96
C CYS A 201 -6.88 -1.72 -1.79
N TRP A 202 -6.46 -2.36 -0.70
CA TRP A 202 -5.03 -2.65 -0.57
C TRP A 202 -4.53 -3.54 -1.71
N ALA A 203 -5.30 -4.59 -2.06
CA ALA A 203 -4.88 -5.47 -3.15
C ALA A 203 -4.73 -4.68 -4.43
N ILE A 204 -5.71 -3.84 -4.76
CA ILE A 204 -5.62 -3.02 -5.98
C ILE A 204 -4.41 -2.11 -5.88
N SER A 205 -4.13 -1.59 -4.69
CA SER A 205 -2.95 -0.73 -4.56
C SER A 205 -1.67 -1.52 -4.85
N TYR A 206 -1.57 -2.78 -4.40
CA TYR A 206 -0.36 -3.51 -4.73
C TYR A 206 -0.25 -3.74 -6.24
N LEU A 207 -1.36 -4.08 -6.87
CA LEU A 207 -1.29 -4.40 -8.29
C LEU A 207 -0.94 -3.18 -9.12
N THR A 208 -1.20 -1.98 -8.61
CA THR A 208 -0.91 -0.75 -9.37
C THR A 208 0.41 -0.12 -8.96
N ASP A 209 1.16 -0.76 -8.08
CA ASP A 209 2.49 -0.28 -7.71
C ASP A 209 3.53 -1.02 -8.53
N GLY A 210 3.96 -0.41 -9.65
CA GLY A 210 4.86 -1.15 -10.52
C GLY A 210 4.85 -0.54 -11.91
N PRO A 211 5.30 -1.30 -12.89
CA PRO A 211 5.40 -0.77 -14.24
C PRO A 211 4.03 -0.40 -14.79
N ASN A 212 4.03 0.51 -15.78
CA ASN A 212 2.76 1.05 -16.23
C ASN A 212 1.88 -0.01 -16.89
N GLU A 213 2.48 -1.11 -17.39
CA GLU A 213 1.66 -2.19 -17.93
C GLU A 213 0.83 -2.85 -16.84
N ARG A 214 1.33 -2.89 -15.60
CA ARG A 214 0.55 -3.43 -14.51
C ARG A 214 -0.58 -2.48 -14.14
N ILE A 215 -0.33 -1.16 -14.17
CA ILE A 215 -1.41 -0.21 -13.94
C ILE A 215 -2.51 -0.41 -14.99
N GLU A 216 -2.09 -0.59 -16.24
CA GLU A 216 -3.06 -0.70 -17.32
C GLU A 216 -4.02 -1.87 -17.10
N MET A 217 -3.50 -3.01 -16.65
CA MET A 217 -4.36 -4.17 -16.47
C MET A 217 -5.47 -3.89 -15.46
N VAL A 218 -5.19 -3.07 -14.45
CA VAL A 218 -6.17 -2.74 -13.42
C VAL A 218 -7.13 -1.67 -13.94
N VAL A 219 -6.61 -0.63 -14.58
CA VAL A 219 -7.45 0.46 -14.99
C VAL A 219 -8.43 -0.01 -16.07
N LYS A 220 -8.01 -0.96 -16.90
CA LYS A 220 -8.97 -1.41 -17.91
C LYS A 220 -10.14 -2.24 -17.32
N LYS A 221 -10.07 -2.68 -16.06
CA LYS A 221 -11.24 -3.30 -15.43
C LYS A 221 -12.25 -2.28 -14.91
N GLY A 222 -12.00 -0.98 -15.12
CA GLY A 222 -13.00 0.03 -14.82
C GLY A 222 -13.14 0.39 -13.35
N VAL A 223 -12.11 0.10 -12.54
CA VAL A 223 -12.17 0.32 -11.09
C VAL A 223 -11.98 1.78 -10.67
N VAL A 224 -11.54 2.68 -11.55
CA VAL A 224 -11.16 4.01 -11.05
C VAL A 224 -12.35 4.75 -10.45
N PRO A 225 -13.55 4.74 -11.06
CA PRO A 225 -14.67 5.42 -10.41
C PRO A 225 -14.96 4.89 -9.01
N GLN A 226 -14.88 3.57 -8.82
CA GLN A 226 -15.11 3.01 -7.51
C GLN A 226 -14.00 3.41 -6.54
N LEU A 227 -12.76 3.45 -7.01
CA LEU A 227 -11.71 3.92 -6.11
C LEU A 227 -11.97 5.37 -5.70
N VAL A 228 -12.45 6.21 -6.65
CA VAL A 228 -12.73 7.60 -6.27
C VAL A 228 -13.89 7.70 -5.27
N LYS A 229 -14.89 6.83 -5.40
CA LYS A 229 -15.96 6.81 -4.41
C LYS A 229 -15.38 6.49 -3.02
N LEU A 230 -14.50 5.50 -2.96
CA LEU A 230 -13.94 5.06 -1.69
C LEU A 230 -12.99 6.10 -1.10
N LEU A 231 -12.38 6.93 -1.95
CA LEU A 231 -11.57 8.03 -1.47
C LEU A 231 -12.35 8.99 -0.56
N GLY A 232 -13.67 9.05 -0.73
CA GLY A 232 -14.56 9.86 0.06
C GLY A 232 -15.18 9.17 1.24
N ALA A 233 -14.78 7.94 1.53
CA ALA A 233 -15.38 7.22 2.65
C ALA A 233 -15.03 7.89 3.98
N THR A 234 -15.90 7.70 4.98
CA THR A 234 -15.56 8.24 6.29
C THR A 234 -14.57 7.35 7.04
N GLU A 235 -14.43 6.07 6.68
CA GLU A 235 -13.55 5.19 7.42
C GLU A 235 -12.12 5.40 6.94
N LEU A 236 -11.24 5.86 7.83
CA LEU A 236 -9.82 5.96 7.50
C LEU A 236 -9.20 4.66 6.97
N PRO A 237 -9.59 3.45 7.42
CA PRO A 237 -8.96 2.24 6.84
C PRO A 237 -9.35 2.00 5.38
N ILE A 238 -10.38 2.66 4.89
CA ILE A 238 -10.73 2.59 3.47
C ILE A 238 -10.06 3.71 2.70
N VAL A 239 -10.16 4.94 3.23
CA VAL A 239 -9.54 6.07 2.52
C VAL A 239 -8.07 5.81 2.28
N THR A 240 -7.37 5.25 3.27
CA THR A 240 -5.92 5.10 3.17
C THR A 240 -5.53 4.24 1.97
N PRO A 241 -6.05 3.02 1.78
CA PRO A 241 -5.65 2.28 0.59
C PRO A 241 -6.28 2.81 -0.71
N ALA A 242 -7.47 3.41 -0.65
CA ALA A 242 -8.05 4.00 -1.87
C ALA A 242 -7.13 5.12 -2.37
N LEU A 243 -6.63 5.95 -1.46
CA LEU A 243 -5.72 7.02 -1.88
C LEU A 243 -4.39 6.45 -2.36
N ARG A 244 -3.88 5.41 -1.69
CA ARG A 244 -2.66 4.79 -2.19
C ARG A 244 -2.84 4.28 -3.63
N ALA A 245 -3.99 3.65 -3.91
CA ALA A 245 -4.21 3.08 -5.25
C ALA A 245 -4.30 4.19 -6.28
N ILE A 246 -5.06 5.24 -5.97
CA ILE A 246 -5.15 6.38 -6.88
C ILE A 246 -3.77 7.00 -7.09
N GLY A 247 -3.02 7.16 -6.00
CA GLY A 247 -1.67 7.68 -6.11
C GLY A 247 -0.78 6.82 -6.99
N ASN A 248 -0.87 5.50 -6.85
CA ASN A 248 -0.07 4.63 -7.73
C ASN A 248 -0.49 4.80 -9.18
N ILE A 249 -1.80 4.93 -9.43
CA ILE A 249 -2.26 5.01 -10.83
C ILE A 249 -1.71 6.28 -11.50
N VAL A 250 -1.68 7.40 -10.77
CA VAL A 250 -1.23 8.63 -11.43
C VAL A 250 0.28 8.69 -11.52
N THR A 251 1.01 7.64 -11.08
CA THR A 251 2.42 7.55 -11.44
C THR A 251 2.63 7.00 -12.84
N GLY A 252 1.55 6.64 -13.55
CA GLY A 252 1.66 5.99 -14.84
C GLY A 252 1.62 6.95 -16.02
N THR A 253 0.97 6.51 -17.10
CA THR A 253 0.99 7.35 -18.29
C THR A 253 0.05 8.56 -18.11
N ASP A 254 0.16 9.53 -19.01
CA ASP A 254 -0.76 10.66 -18.96
C ASP A 254 -2.20 10.21 -19.17
N GLU A 255 -2.42 9.16 -20.00
CA GLU A 255 -3.78 8.67 -20.18
C GLU A 255 -4.31 7.98 -18.93
N GLN A 256 -3.48 7.21 -18.22
CA GLN A 256 -3.94 6.59 -16.98
C GLN A 256 -4.24 7.65 -15.93
N THR A 257 -3.40 8.69 -15.86
CA THR A 257 -3.69 9.82 -14.96
C THR A 257 -5.00 10.48 -15.32
N GLN A 258 -5.29 10.65 -16.62
CA GLN A 258 -6.52 11.30 -17.04
C GLN A 258 -7.74 10.50 -16.55
N LYS A 259 -7.65 9.17 -16.46
CA LYS A 259 -8.82 8.43 -15.98
C LYS A 259 -9.15 8.85 -14.55
N VAL A 260 -8.14 9.10 -13.74
CA VAL A 260 -8.36 9.50 -12.36
C VAL A 260 -9.02 10.87 -12.33
N ILE A 261 -8.51 11.80 -13.13
CA ILE A 261 -9.12 13.14 -13.19
C ILE A 261 -10.56 13.06 -13.71
N ASP A 262 -10.78 12.32 -14.81
CA ASP A 262 -12.13 12.19 -15.39
C ASP A 262 -13.14 11.63 -14.40
N ALA A 263 -12.70 10.75 -13.48
CA ALA A 263 -13.61 10.17 -12.50
C ALA A 263 -13.95 11.12 -11.35
N GLY A 264 -13.37 12.31 -11.32
CA GLY A 264 -13.73 13.33 -10.34
C GLY A 264 -12.85 13.33 -9.11
N ALA A 265 -11.67 12.69 -9.17
CA ALA A 265 -10.85 12.56 -7.96
C ALA A 265 -10.48 13.92 -7.38
N LEU A 266 -10.19 14.90 -8.25
CA LEU A 266 -9.65 16.15 -7.71
C LEU A 266 -10.62 16.85 -6.76
N ALA A 267 -11.92 16.58 -6.87
CA ALA A 267 -12.89 17.25 -6.01
C ALA A 267 -12.77 16.80 -4.56
N VAL A 268 -12.10 15.66 -4.29
CA VAL A 268 -11.92 15.17 -2.91
C VAL A 268 -10.67 15.79 -2.28
N PHE A 269 -9.81 16.41 -3.07
CA PHE A 269 -8.51 16.79 -2.52
C PHE A 269 -8.51 17.98 -1.58
N PRO A 270 -9.51 18.87 -1.60
CA PRO A 270 -9.52 19.92 -0.55
C PRO A 270 -9.57 19.27 0.81
N SER A 271 -10.36 18.22 0.95
CA SER A 271 -10.44 17.47 2.19
CA SER A 271 -10.43 17.50 2.21
C SER A 271 -9.17 16.67 2.46
N LEU A 272 -8.66 15.95 1.44
CA LEU A 272 -7.46 15.11 1.68
C LEU A 272 -6.25 15.96 2.07
N LEU A 273 -6.08 17.13 1.40
CA LEU A 273 -4.90 17.94 1.64
C LEU A 273 -4.98 18.71 2.97
N THR A 274 -6.10 18.61 3.69
CA THR A 274 -6.23 19.18 5.02
C THR A 274 -6.63 18.12 6.03
N ASN A 275 -6.46 16.83 5.68
CA ASN A 275 -6.93 15.76 6.54
C ASN A 275 -6.13 15.76 7.85
N PRO A 276 -6.77 15.50 8.98
CA PRO A 276 -6.01 15.51 10.23
C PRO A 276 -5.00 14.38 10.33
N LYS A 277 -5.09 13.33 9.52
CA LYS A 277 -4.08 12.26 9.59
C LYS A 277 -2.91 12.64 8.69
N THR A 278 -1.72 12.75 9.29
CA THR A 278 -0.54 13.19 8.56
C THR A 278 -0.26 12.34 7.34
N ASN A 279 -0.43 11.02 7.45
CA ASN A 279 -0.10 10.17 6.32
C ASN A 279 -1.06 10.36 5.17
N ILE A 280 -2.32 10.77 5.44
CA ILE A 280 -3.24 11.07 4.34
C ILE A 280 -2.80 12.36 3.64
N GLN A 281 -2.46 13.41 4.41
CA GLN A 281 -1.96 14.63 3.76
C GLN A 281 -0.75 14.33 2.91
N LYS A 282 0.18 13.53 3.47
CA LYS A 282 1.42 13.20 2.77
C LYS A 282 1.15 12.49 1.44
N GLU A 283 0.35 11.41 1.48
CA GLU A 283 0.13 10.68 0.23
C GLU A 283 -0.76 11.45 -0.73
N ALA A 284 -1.64 12.29 -0.20
CA ALA A 284 -2.43 13.15 -1.09
C ALA A 284 -1.54 14.18 -1.77
N THR A 285 -0.53 14.70 -1.06
CA THR A 285 0.33 15.69 -1.72
C THR A 285 1.26 15.00 -2.70
N TRP A 286 1.73 13.80 -2.36
CA TRP A 286 2.46 12.98 -3.32
C TRP A 286 1.64 12.75 -4.60
N THR A 287 0.36 12.36 -4.43
CA THR A 287 -0.54 12.20 -5.57
C THR A 287 -0.62 13.48 -6.38
N MET A 288 -0.81 14.63 -5.71
CA MET A 288 -0.88 15.90 -6.44
C MET A 288 0.41 16.13 -7.20
N SER A 289 1.56 15.77 -6.60
CA SER A 289 2.82 16.05 -7.31
C SER A 289 2.93 15.24 -8.59
N ASN A 290 2.38 14.02 -8.61
CA ASN A 290 2.44 13.29 -9.88
C ASN A 290 1.40 13.79 -10.88
N ILE A 291 0.31 14.38 -10.40
CA ILE A 291 -0.62 14.98 -11.35
C ILE A 291 0.00 16.25 -11.94
N THR A 292 0.71 17.03 -11.11
CA THR A 292 1.32 18.25 -11.68
C THR A 292 2.54 17.94 -12.53
N ALA A 293 3.05 16.70 -12.50
CA ALA A 293 4.02 16.22 -13.48
C ALA A 293 3.37 15.88 -14.82
N GLY A 294 2.07 16.12 -14.94
CA GLY A 294 1.31 15.73 -16.12
C GLY A 294 1.30 16.79 -17.20
N ARG A 295 0.32 16.67 -18.08
CA ARG A 295 0.17 17.59 -19.21
C ARG A 295 -0.32 18.94 -18.74
N GLN A 296 -0.16 19.95 -19.62
CA GLN A 296 -0.65 21.28 -19.24
C GLN A 296 -2.15 21.29 -19.01
N ASP A 297 -2.91 20.48 -19.76
CA ASP A 297 -4.35 20.44 -19.52
C ASP A 297 -4.67 19.76 -18.19
N GLN A 298 -3.76 18.93 -17.68
CA GLN A 298 -3.99 18.31 -16.38
C GLN A 298 -3.64 19.27 -15.26
N ILE A 299 -2.52 19.99 -15.40
CA ILE A 299 -2.26 21.11 -14.50
C ILE A 299 -3.44 22.07 -14.49
N GLN A 300 -4.03 22.35 -15.67
CA GLN A 300 -5.15 23.28 -15.67
C GLN A 300 -6.33 22.74 -14.86
N GLN A 301 -6.52 21.43 -14.82
CA GLN A 301 -7.61 20.92 -13.97
C GLN A 301 -7.30 21.10 -12.50
N VAL A 302 -6.03 20.93 -12.11
CA VAL A 302 -5.64 21.23 -10.74
C VAL A 302 -6.01 22.68 -10.41
N VAL A 303 -5.70 23.60 -11.32
CA VAL A 303 -6.05 25.00 -11.10
C VAL A 303 -7.57 25.16 -10.98
N ASN A 304 -8.31 24.59 -11.93
CA ASN A 304 -9.76 24.80 -11.97
C ASN A 304 -10.44 24.27 -10.71
N HIS A 305 -9.92 23.19 -10.14
CA HIS A 305 -10.48 22.64 -8.91
C HIS A 305 -10.09 23.41 -7.68
N GLY A 306 -9.34 24.51 -7.84
CA GLY A 306 -9.00 25.34 -6.71
C GLY A 306 -7.89 24.76 -5.87
N LEU A 307 -7.07 23.86 -6.42
CA LEU A 307 -6.16 23.14 -5.55
C LEU A 307 -4.84 23.85 -5.37
N VAL A 308 -4.53 24.90 -6.17
CA VAL A 308 -3.25 25.57 -5.95
C VAL A 308 -3.21 26.21 -4.56
N PRO A 309 -4.27 26.88 -4.09
CA PRO A 309 -4.22 27.38 -2.70
C PRO A 309 -3.97 26.27 -1.69
N PHE A 310 -4.54 25.09 -1.91
CA PHE A 310 -4.28 23.99 -0.98
C PHE A 310 -2.82 23.58 -1.01
N LEU A 311 -2.18 23.60 -2.16
CA LEU A 311 -0.74 23.33 -2.22
C LEU A 311 0.05 24.42 -1.52
N VAL A 312 -0.36 25.70 -1.71
CA VAL A 312 0.30 26.76 -0.93
C VAL A 312 0.15 26.43 0.55
N GLY A 313 -1.04 25.98 0.93
CA GLY A 313 -1.30 25.67 2.34
C GLY A 313 -0.40 24.59 2.88
N VAL A 314 -0.29 23.44 2.19
CA VAL A 314 0.60 22.38 2.70
C VAL A 314 2.06 22.81 2.66
N LEU A 315 2.49 23.55 1.64
CA LEU A 315 3.88 24.05 1.67
C LEU A 315 4.10 24.96 2.87
N SER A 316 3.07 25.74 3.26
CA SER A 316 3.21 26.69 4.36
C SER A 316 3.28 25.98 5.71
N LYS A 317 2.46 24.97 5.92
CA LYS A 317 2.37 24.33 7.25
C LYS A 317 1.88 22.91 7.04
N ALA A 318 2.74 21.96 7.43
CA ALA A 318 2.38 20.54 7.36
C ALA A 318 3.56 19.80 8.01
N ASP A 319 3.38 18.50 8.21
CA ASP A 319 4.53 17.69 8.61
C ASP A 319 5.60 17.81 7.54
N PHE A 320 6.87 17.70 7.94
CA PHE A 320 7.94 17.97 6.97
C PHE A 320 7.88 17.03 5.77
N LYS A 321 7.51 15.76 5.98
CA LYS A 321 7.44 14.85 4.85
C LYS A 321 6.38 15.31 3.86
N THR A 322 5.29 15.88 4.37
CA THR A 322 4.26 16.41 3.48
C THR A 322 4.79 17.64 2.74
N GLN A 323 5.53 18.49 3.47
CA GLN A 323 6.12 19.66 2.82
C GLN A 323 7.08 19.27 1.71
N LYS A 324 7.83 18.17 1.89
CA LYS A 324 8.70 17.74 0.80
C LYS A 324 7.88 17.35 -0.42
N GLU A 325 6.77 16.64 -0.23
CA GLU A 325 5.92 16.29 -1.37
C GLU A 325 5.34 17.53 -2.00
N ALA A 326 5.01 18.55 -1.20
CA ALA A 326 4.50 19.81 -1.76
C ALA A 326 5.57 20.48 -2.62
N ALA A 327 6.81 20.48 -2.17
CA ALA A 327 7.88 21.07 -2.97
C ALA A 327 8.02 20.36 -4.31
N TRP A 328 7.95 19.02 -4.32
CA TRP A 328 7.94 18.30 -5.59
C TRP A 328 6.76 18.72 -6.47
N ALA A 329 5.57 18.84 -5.86
CA ALA A 329 4.40 19.26 -6.63
C ALA A 329 4.66 20.61 -7.31
N ILE A 330 5.33 21.54 -6.60
CA ILE A 330 5.61 22.86 -7.17
C ILE A 330 6.67 22.78 -8.26
N THR A 331 7.73 22.00 -8.02
CA THR A 331 8.74 21.88 -9.07
C THR A 331 8.17 21.23 -10.33
N ASN A 332 7.30 20.22 -10.18
CA ASN A 332 6.73 19.59 -11.38
C ASN A 332 5.80 20.56 -12.10
N TYR A 333 4.96 21.26 -11.33
CA TYR A 333 4.05 22.27 -11.88
C TYR A 333 4.82 23.30 -12.67
N THR A 334 5.91 23.82 -12.11
CA THR A 334 6.63 24.90 -12.80
C THR A 334 7.48 24.37 -13.94
N SER A 335 7.84 23.08 -13.92
CA SER A 335 8.57 22.49 -15.02
C SER A 335 7.66 22.32 -16.24
N GLY A 336 6.41 21.91 -16.04
CA GLY A 336 5.54 21.55 -17.13
C GLY A 336 4.50 22.61 -17.47
N GLY A 337 4.27 23.57 -16.57
CA GLY A 337 3.16 24.50 -16.72
C GLY A 337 3.41 25.58 -17.78
N THR A 338 2.31 26.19 -18.23
CA THR A 338 2.43 27.36 -19.10
C THR A 338 2.87 28.56 -18.29
N VAL A 339 3.29 29.63 -18.99
CA VAL A 339 3.61 30.86 -18.28
C VAL A 339 2.41 31.34 -17.47
N GLU A 340 1.20 31.30 -18.06
CA GLU A 340 0.03 31.80 -17.34
C GLU A 340 -0.24 30.96 -16.08
N GLN A 341 0.01 29.66 -16.16
CA GLN A 341 -0.18 28.81 -14.97
C GLN A 341 0.84 29.15 -13.90
N ILE A 342 2.06 29.49 -14.31
CA ILE A 342 3.09 29.85 -13.34
C ILE A 342 2.85 31.22 -12.71
N VAL A 343 2.45 32.21 -13.51
CA VAL A 343 1.98 33.50 -12.97
C VAL A 343 0.91 33.27 -11.91
N TYR A 344 -0.05 32.41 -12.23
CA TYR A 344 -1.15 32.12 -11.30
C TYR A 344 -0.61 31.56 -9.98
N LEU A 345 0.33 30.62 -10.07
CA LEU A 345 0.93 30.04 -8.86
C LEU A 345 1.57 31.13 -8.00
N VAL A 346 2.27 32.09 -8.61
CA VAL A 346 2.86 33.15 -7.81
C VAL A 346 1.76 34.02 -7.18
N HIS A 347 0.70 34.36 -7.95
CA HIS A 347 -0.38 35.16 -7.40
CA HIS A 347 -0.41 35.16 -7.42
C HIS A 347 -1.08 34.48 -6.24
N CYS A 348 -1.06 33.15 -6.20
CA CYS A 348 -1.66 32.43 -5.06
C CYS A 348 -0.78 32.44 -3.83
N GLY A 349 0.44 32.96 -3.91
CA GLY A 349 1.27 33.10 -2.73
C GLY A 349 2.36 32.04 -2.54
N ILE A 350 2.86 31.42 -3.61
CA ILE A 350 3.83 30.34 -3.40
C ILE A 350 5.20 30.83 -2.92
N ILE A 351 5.56 32.10 -3.19
CA ILE A 351 6.99 32.45 -3.04
C ILE A 351 7.39 32.41 -1.58
N GLU A 352 6.61 33.02 -0.71
CA GLU A 352 7.03 33.08 0.69
C GLU A 352 7.19 31.69 1.29
N PRO A 353 6.23 30.77 1.21
CA PRO A 353 6.48 29.46 1.84
C PRO A 353 7.57 28.67 1.15
N LEU A 354 7.78 28.86 -0.15
CA LEU A 354 8.92 28.23 -0.81
C LEU A 354 10.22 28.71 -0.20
N MET A 355 10.35 30.04 0.00
CA MET A 355 11.60 30.58 0.54
C MET A 355 11.80 30.12 1.98
N ASN A 356 10.71 30.03 2.76
CA ASN A 356 10.86 29.59 4.13
C ASN A 356 11.43 28.18 4.20
N LEU A 357 11.11 27.33 3.23
CA LEU A 357 11.61 25.96 3.29
C LEU A 357 13.07 25.85 2.87
N LEU A 358 13.67 26.93 2.40
CA LEU A 358 15.08 26.86 2.09
C LEU A 358 15.93 26.75 3.34
N SER A 359 15.34 26.92 4.51
CA SER A 359 16.04 26.73 5.77
C SER A 359 16.09 25.28 6.21
N ALA A 360 15.46 24.38 5.47
CA ALA A 360 15.39 22.99 5.88
C ALA A 360 16.76 22.33 5.77
N LYS A 361 17.10 21.52 6.78
CA LYS A 361 18.36 20.80 6.77
C LYS A 361 18.13 19.46 6.07
N ASP A 362 17.85 19.56 4.77
CA ASP A 362 17.56 18.40 3.93
C ASP A 362 18.01 18.75 2.52
N THR A 363 19.09 18.12 2.06
CA THR A 363 19.69 18.53 0.79
C THR A 363 18.73 18.34 -0.38
N LYS A 364 17.95 17.26 -0.36
CA LYS A 364 17.08 17.01 -1.52
C LYS A 364 16.02 18.09 -1.67
N ILE A 365 15.35 18.47 -0.58
CA ILE A 365 14.30 19.48 -0.74
C ILE A 365 14.92 20.83 -1.16
N ILE A 366 16.14 21.13 -0.72
CA ILE A 366 16.74 22.38 -1.20
C ILE A 366 16.92 22.34 -2.71
N GLN A 367 17.38 21.21 -3.24
CA GLN A 367 17.61 21.13 -4.67
C GLN A 367 16.30 21.26 -5.43
N VAL A 368 15.25 20.63 -4.91
CA VAL A 368 13.92 20.71 -5.52
C VAL A 368 13.44 22.15 -5.54
N ILE A 369 13.63 22.87 -4.43
CA ILE A 369 13.13 24.24 -4.34
C ILE A 369 13.91 25.15 -5.27
N LEU A 370 15.24 25.00 -5.30
CA LEU A 370 16.05 25.80 -6.21
C LEU A 370 15.65 25.55 -7.67
N ASP A 371 15.32 24.30 -8.00
CA ASP A 371 14.80 24.01 -9.34
C ASP A 371 13.50 24.76 -9.62
N ALA A 372 12.55 24.72 -8.66
CA ALA A 372 11.30 25.49 -8.84
C ALA A 372 11.59 26.97 -9.05
N ILE A 373 12.50 27.54 -8.25
CA ILE A 373 12.79 28.97 -8.36
C ILE A 373 13.35 29.29 -9.74
N SER A 374 14.27 28.46 -10.22
CA SER A 374 14.76 28.64 -11.57
C SER A 374 13.65 28.55 -12.62
N ASN A 375 12.72 27.59 -12.48
CA ASN A 375 11.63 27.48 -13.44
C ASN A 375 10.76 28.73 -13.41
N ILE A 376 10.49 29.28 -12.21
CA ILE A 376 9.66 30.48 -12.12
C ILE A 376 10.39 31.67 -12.74
N PHE A 377 11.71 31.76 -12.51
CA PHE A 377 12.47 32.81 -13.19
C PHE A 377 12.39 32.68 -14.71
N GLN A 378 12.38 31.45 -15.23
CA GLN A 378 12.30 31.32 -16.69
C GLN A 378 10.96 31.80 -17.23
N ALA A 379 9.88 31.60 -16.48
CA ALA A 379 8.61 32.20 -16.85
C ALA A 379 8.70 33.72 -16.82
N ALA A 380 9.30 34.27 -15.76
CA ALA A 380 9.42 35.73 -15.65
C ALA A 380 10.26 36.32 -16.76
N GLU A 381 11.24 35.58 -17.26
CA GLU A 381 11.99 36.08 -18.40
C GLU A 381 11.11 36.26 -19.64
N LYS A 382 10.20 35.33 -19.90
CA LYS A 382 9.33 35.47 -21.06
C LYS A 382 8.37 36.65 -20.94
N LEU A 383 8.07 37.08 -19.72
CA LEU A 383 7.25 38.27 -19.50
C LEU A 383 8.07 39.53 -19.30
N GLY A 384 9.39 39.43 -19.23
CA GLY A 384 10.22 40.59 -18.92
C GLY A 384 10.05 41.12 -17.52
N GLU A 385 9.72 40.23 -16.57
CA GLU A 385 9.41 40.66 -15.21
C GLU A 385 10.34 40.00 -14.19
N THR A 386 11.58 39.72 -14.59
CA THR A 386 12.47 39.07 -13.62
C THR A 386 12.79 39.98 -12.45
N GLU A 387 12.80 41.31 -12.68
CA GLU A 387 13.06 42.24 -11.60
C GLU A 387 11.97 42.18 -10.53
N LYS A 388 10.70 42.20 -10.96
CA LYS A 388 9.61 42.12 -9.99
C LYS A 388 9.74 40.86 -9.15
N LEU A 389 10.18 39.76 -9.76
CA LEU A 389 10.31 38.51 -9.01
C LEU A 389 11.50 38.56 -8.06
N SER A 390 12.61 39.14 -8.51
CA SER A 390 13.75 39.33 -7.61
C SER A 390 13.36 40.11 -6.38
N ILE A 391 12.54 41.15 -6.55
CA ILE A 391 12.10 41.96 -5.40
C ILE A 391 11.26 41.11 -4.46
N MET A 392 10.29 40.39 -5.01
CA MET A 392 9.45 39.53 -4.19
C MET A 392 10.29 38.57 -3.35
N ILE A 393 11.28 37.95 -3.98
CA ILE A 393 12.10 36.97 -3.27
C ILE A 393 12.92 37.65 -2.18
N GLU A 394 13.42 38.86 -2.44
CA GLU A 394 14.20 39.53 -1.41
C GLU A 394 13.32 39.99 -0.24
N GLU A 395 12.13 40.54 -0.54
CA GLU A 395 11.30 41.11 0.50
C GLU A 395 10.82 40.07 1.51
N CYS A 396 10.63 38.82 1.09
CA CYS A 396 10.24 37.80 2.05
C CYS A 396 11.44 36.94 2.50
N GLY A 397 12.64 37.50 2.46
CA GLY A 397 13.77 36.85 3.09
C GLY A 397 14.48 35.80 2.27
N GLY A 398 14.11 35.64 0.99
CA GLY A 398 14.69 34.58 0.18
C GLY A 398 16.10 34.85 -0.32
N LEU A 399 16.42 36.11 -0.57
CA LEU A 399 17.76 36.41 -1.08
C LEU A 399 18.83 36.00 -0.08
N ASP A 400 18.62 36.30 1.21
CA ASP A 400 19.61 35.93 2.21
C ASP A 400 19.85 34.42 2.20
N LYS A 401 18.78 33.64 2.06
CA LYS A 401 18.94 32.19 2.12
C LYS A 401 19.65 31.66 0.88
N ILE A 402 19.30 32.17 -0.30
CA ILE A 402 19.99 31.74 -1.51
C ILE A 402 21.45 32.17 -1.46
N GLU A 403 21.69 33.43 -1.07
CA GLU A 403 23.07 33.90 -0.96
C GLU A 403 23.88 33.01 -0.02
N ALA A 404 23.29 32.60 1.09
CA ALA A 404 24.00 31.72 2.02
C ALA A 404 24.19 30.32 1.45
N LEU A 405 23.24 29.86 0.61
CA LEU A 405 23.42 28.54 0.01
C LEU A 405 24.56 28.50 -1.01
N GLN A 406 25.16 29.64 -1.37
CA GLN A 406 26.37 29.60 -2.19
C GLN A 406 27.50 28.93 -1.42
N ARG A 407 27.55 29.14 -0.10
CA ARG A 407 28.55 28.53 0.75
C ARG A 407 28.11 27.15 1.26
N HIS A 408 27.11 26.56 0.61
CA HIS A 408 26.59 25.26 1.04
C HIS A 408 27.47 24.13 0.51
N GLU A 409 27.46 23.02 1.24
CA GLU A 409 28.36 21.91 0.94
C GLU A 409 28.06 21.26 -0.40
N ASN A 410 26.82 20.82 -0.59
CA ASN A 410 26.45 20.02 -1.76
C ASN A 410 26.72 20.76 -3.05
N GLU A 411 27.24 20.02 -4.04
CA GLU A 411 27.59 20.54 -5.37
C GLU A 411 26.42 21.29 -6.01
N SER A 412 25.38 20.55 -6.40
CA SER A 412 24.22 21.12 -7.08
C SER A 412 23.62 22.33 -6.36
N VAL A 413 23.69 22.37 -5.03
CA VAL A 413 23.10 23.47 -4.28
C VAL A 413 23.86 24.78 -4.53
N TYR A 414 25.18 24.78 -4.33
CA TYR A 414 25.89 26.05 -4.47
C TYR A 414 26.00 26.47 -5.93
N LYS A 415 26.09 25.52 -6.86
CA LYS A 415 26.03 25.85 -8.28
C LYS A 415 24.75 26.61 -8.61
N ALA A 416 23.59 25.97 -8.39
CA ALA A 416 22.31 26.57 -8.76
C ALA A 416 22.08 27.88 -8.03
N SER A 417 22.55 27.99 -6.79
CA SER A 417 22.33 29.23 -6.05
C SER A 417 23.26 30.34 -6.53
N LEU A 418 24.50 30.01 -6.90
CA LEU A 418 25.37 31.01 -7.53
C LEU A 418 24.73 31.54 -8.80
N ASN A 419 24.28 30.64 -9.67
CA ASN A 419 23.64 31.01 -10.92
C ASN A 419 22.51 32.00 -10.70
N LEU A 420 21.61 31.68 -9.75
CA LEU A 420 20.47 32.56 -9.50
C LEU A 420 20.91 33.97 -9.15
N ILE A 421 21.87 34.09 -8.23
CA ILE A 421 22.31 35.43 -7.83
C ILE A 421 22.98 36.15 -8.99
N GLU A 422 23.81 35.44 -9.75
CA GLU A 422 24.54 36.09 -10.84
C GLU A 422 23.59 36.61 -11.90
N LYS A 423 22.51 35.86 -12.19
CA LYS A 423 21.66 36.24 -13.30
C LYS A 423 20.57 37.21 -12.89
N TYR A 424 20.01 37.04 -11.69
CA TYR A 424 18.85 37.82 -11.30
C TYR A 424 19.05 38.67 -10.06
N PHE A 425 20.15 38.50 -9.34
CA PHE A 425 20.41 39.37 -8.22
C PHE A 425 21.73 40.09 -8.43
N SER B 1 8.30 12.37 -17.37
CA SER B 1 9.62 12.11 -16.79
C SER B 1 9.65 12.61 -15.35
N GLY B 2 8.66 13.41 -14.96
CA GLY B 2 8.56 13.80 -13.57
C GLY B 2 7.76 12.85 -12.68
N LYS B 3 7.26 11.73 -13.20
CA LYS B 3 6.50 10.83 -12.32
C LYS B 3 7.43 10.17 -11.32
N ARG B 4 6.95 10.01 -10.08
CA ARG B 4 7.76 9.38 -9.03
C ARG B 4 6.96 8.23 -8.41
N LYS B 5 7.43 6.99 -8.63
CA LYS B 5 6.67 5.85 -8.09
C LYS B 5 6.86 5.73 -6.58
N LEU B 6 5.99 4.92 -5.97
CA LEU B 6 5.96 4.77 -4.53
C LEU B 6 7.26 4.22 -3.99
N ILE B 7 7.74 4.83 -2.90
CA ILE B 7 8.82 4.25 -2.11
C ILE B 7 8.29 4.02 -0.69
N THR B 8 8.45 2.80 -0.18
CA THR B 8 8.18 2.55 1.23
C THR B 8 9.37 1.87 1.90
N SER B 9 9.43 1.97 3.23
CA SER B 9 10.39 1.22 4.03
C SER B 9 9.66 0.18 4.88
N GLU B 10 10.43 -0.63 5.61
CA GLU B 10 9.86 -1.73 6.38
C GLU B 10 9.03 -1.24 7.56
N GLU B 11 9.44 -0.14 8.21
CA GLU B 11 8.77 0.30 9.43
C GLU B 11 7.39 0.88 9.13
N GLU B 12 7.19 1.48 7.95
CA GLU B 12 5.89 2.05 7.61
C GLU B 12 4.89 0.99 7.16
N ARG B 13 5.37 -0.08 6.54
CA ARG B 13 4.47 -1.14 6.11
C ARG B 13 3.92 -1.90 7.32
N ASP B 14 2.70 -2.33 7.23
CA ASP B 14 2.13 -3.11 8.32
C ASP B 14 2.15 -4.60 7.96
N PRO B 15 2.07 -5.49 8.96
CA PRO B 15 2.34 -6.91 8.70
C PRO B 15 1.38 -7.49 7.69
N ALA B 16 1.89 -8.44 6.90
CA ALA B 16 1.05 -9.20 6.01
C ALA B 16 0.45 -10.42 6.70
N LYS B 17 0.95 -10.81 7.86
CA LYS B 17 0.47 -12.04 8.46
C LYS B 17 -0.47 -11.72 9.64
N ARG B 18 -1.33 -12.67 9.95
CA ARG B 18 -2.33 -12.53 11.01
CA ARG B 18 -2.31 -12.54 11.02
C ARG B 18 -2.47 -13.86 11.74
N GLY B 19 -2.31 -13.88 13.07
CA GLY B 19 -2.62 -15.09 13.81
C GLY B 19 -4.09 -15.10 14.21
N ARG B 20 -4.65 -16.29 14.51
CA ARG B 20 -6.04 -16.37 14.97
C ARG B 20 -6.03 -16.52 16.48
N LYS B 21 -6.60 -15.55 17.20
CA LYS B 21 -6.50 -15.60 18.66
C LYS B 21 -7.69 -16.24 19.33
N SER B 22 -8.83 -16.36 18.66
CA SER B 22 -9.97 -17.02 19.30
C SER B 22 -10.99 -17.48 18.27
#